data_8R6X
#
_entry.id   8R6X
#
_cell.length_a   1.00
_cell.length_b   1.00
_cell.length_c   1.00
_cell.angle_alpha   90.00
_cell.angle_beta   90.00
_cell.angle_gamma   90.00
#
_symmetry.space_group_name_H-M   'P 1'
#
loop_
_entity.id
_entity.type
_entity.pdbx_description
1 polymer 'Genome polyprotein'
2 polymer 'Genome polyprotein'
3 polymer 'Genome polyprotein'
#
loop_
_entity_poly.entity_id
_entity_poly.type
_entity_poly.pdbx_seq_one_letter_code
_entity_poly.pdbx_strand_id
1 'polypeptide(L)'
;DPIANAVENAVSALADTTISRVTAASTAASTHSLGTGRVPALQAAETGASSNASDENLIETRCVMNRNGVNEASVEHFYS
RAGLVGVVEVKDSGTSLDGYTVWPIDVMGFVQQRRKLELSTYMRFDAEFTFVSNLNDSTTPGMLLQYMYVPPGAPKPDSR
KSYQWQTATNPSVFAKLSDPPPQVSVPFMSPATAYQWFYDGYPTFGEHKQATNLQYGQCPNNMMGHFAIRTVSESTTGKN
VHVRVYMRIKHVRAWVPRPLRSQAYMVKNYPTYSQTITNTATDRASITTTDYEGGVPANPQRTS
;
A
2 'polypeptide(L)'
;MGAQVSTEKSGSHETKNVATEGSTINFTNINYYKDSYAASASRQDFAQDPAKFTRPVLDTIREVAAPLQSPSVEACGYSD
RVAQLTVGNSTITTQEAANIVLSYGEWPEYCPSTDATAVDKPTRPDVSVNRFYTLSTKSWKTESTGWYWKFPDVLNDTGV
FGQNAQFHYLYRSGFCMHVQCNASKFHQGALLVAAIPEFVVAASSPATKPNGQGLYPDFAHTNPGKNGQEFRDPYVLDAG
IPLSQALVFPHQWINLRTNNCATIIMPYVNALPFDSALNHSNFGLVVIPISPLKYCNGATTEVPITLTIAPLNSEFSGLR
QAIKQ
;
B
3 'polypeptide(L)'
;GFPTELKPGTNQFLTTDDGTSPPILPGFEPTPLIHIPGEFTSLLDLCQIETILEVNNTTSTTGVSRLLIPVRAQNNVDQL
CASFQVDPGRNGPWQSTMVGQICRYYTQWSGSLKVTFMFTGSFMATGKMLIAYTPPGSAQPATREAAMLGTHIVWDFGLQ
SSVTLVIPWISNTHFRAVKTGGVYDYYATGIVTIWYQTNFVVPPDTPTEANIIALGAAQKNFTLKLCKDTDEIQQTAEYQ
;
C
#
# COMPACT_ATOMS: atom_id res chain seq x y z
N VAL A 70 -2.02 -19.55 -10.06
CA VAL A 70 -2.29 -19.59 -11.50
C VAL A 70 -1.47 -18.53 -12.22
N ASN A 71 -1.49 -18.58 -13.55
CA ASN A 71 -0.75 -17.62 -14.36
C ASN A 71 -1.40 -16.25 -14.37
N GLU A 72 -2.74 -16.19 -14.24
CA GLU A 72 -3.43 -14.90 -14.33
C GLU A 72 -3.22 -14.07 -13.08
N ALA A 73 -2.99 -14.70 -11.93
CA ALA A 73 -2.76 -13.98 -10.68
C ALA A 73 -1.27 -13.76 -10.45
N SER A 74 -0.65 -13.06 -11.39
CA SER A 74 0.78 -12.83 -11.39
C SER A 74 1.09 -11.34 -11.46
N VAL A 75 2.27 -10.98 -10.96
CA VAL A 75 2.78 -9.62 -11.17
C VAL A 75 3.07 -9.40 -12.65
N GLU A 76 3.53 -10.44 -13.34
CA GLU A 76 3.85 -10.31 -14.76
C GLU A 76 2.61 -9.96 -15.58
N HIS A 77 1.48 -10.62 -15.31
CA HIS A 77 0.25 -10.34 -16.03
C HIS A 77 -0.53 -9.17 -15.47
N PHE A 78 -0.26 -8.76 -14.22
CA PHE A 78 -0.98 -7.63 -13.63
C PHE A 78 -0.68 -6.34 -14.37
N TYR A 79 0.57 -6.13 -14.75
CA TYR A 79 1.01 -4.87 -15.35
C TYR A 79 1.21 -4.94 -16.86
N SER A 80 0.92 -6.08 -17.48
CA SER A 80 1.25 -6.29 -18.90
C SER A 80 0.05 -5.97 -19.77
N ARG A 81 -0.12 -4.69 -20.06
CA ARG A 81 -1.16 -4.22 -20.97
C ARG A 81 -0.77 -2.86 -21.52
N ALA A 82 -1.32 -2.55 -22.69
CA ALA A 82 -1.17 -1.22 -23.28
C ALA A 82 -2.34 -0.34 -22.83
N GLY A 83 -2.11 0.97 -22.86
CA GLY A 83 -3.12 1.91 -22.43
C GLY A 83 -2.67 3.33 -22.63
N LEU A 84 -3.67 4.22 -22.72
CA LEU A 84 -3.40 5.63 -22.93
C LEU A 84 -2.70 6.25 -21.73
N VAL A 85 -1.80 7.19 -22.00
CA VAL A 85 -1.14 7.95 -20.94
C VAL A 85 -1.33 9.46 -21.09
N GLY A 86 -1.75 9.94 -22.25
CA GLY A 86 -2.00 11.35 -22.46
C GLY A 86 -2.29 11.68 -23.91
N VAL A 87 -2.94 12.81 -24.15
CA VAL A 87 -3.24 13.27 -25.49
C VAL A 87 -2.52 14.60 -25.73
N VAL A 88 -1.96 14.75 -26.92
CA VAL A 88 -1.20 15.94 -27.28
C VAL A 88 -1.72 16.46 -28.61
N GLU A 89 -1.96 17.77 -28.68
CA GLU A 89 -2.43 18.42 -29.89
C GLU A 89 -1.48 19.54 -30.26
N VAL A 90 -0.98 19.50 -31.49
CA VAL A 90 -0.15 20.57 -32.03
C VAL A 90 -1.04 21.48 -32.87
N LYS A 91 -1.11 22.75 -32.49
CA LYS A 91 -2.02 23.71 -33.11
C LYS A 91 -1.24 24.67 -33.98
N ASP A 92 -1.74 24.88 -35.20
CA ASP A 92 -1.13 25.81 -36.15
C ASP A 92 -2.22 26.63 -36.83
N SER A 93 -3.23 27.04 -36.07
CA SER A 93 -4.35 27.79 -36.62
C SER A 93 -4.90 28.74 -35.57
N GLY A 94 -5.47 29.85 -36.03
CA GLY A 94 -6.09 30.81 -35.14
C GLY A 94 -5.12 31.71 -34.43
N THR A 95 -5.36 31.93 -33.12
CA THR A 95 -4.49 32.80 -32.34
C THR A 95 -3.12 32.19 -32.08
N SER A 96 -2.98 30.88 -32.25
CA SER A 96 -1.71 30.19 -32.03
C SER A 96 -1.24 29.58 -33.33
N LEU A 97 -0.05 29.99 -33.80
CA LEU A 97 0.53 29.51 -35.06
C LEU A 97 1.94 29.02 -34.76
N ASP A 98 2.06 27.76 -34.33
CA ASP A 98 3.35 27.15 -34.06
C ASP A 98 3.32 25.72 -34.60
N GLY A 99 4.51 25.16 -34.80
CA GLY A 99 4.62 23.85 -35.42
C GLY A 99 5.10 22.73 -34.52
N TYR A 100 5.46 23.04 -33.29
CA TYR A 100 6.06 22.07 -32.39
C TYR A 100 5.27 21.98 -31.09
N THR A 101 5.41 20.83 -30.42
CA THR A 101 4.82 20.59 -29.11
C THR A 101 5.67 19.58 -28.38
N VAL A 102 5.91 19.82 -27.09
CA VAL A 102 6.70 18.94 -26.25
C VAL A 102 5.79 18.29 -25.22
N TRP A 103 6.20 17.12 -24.74
CA TRP A 103 5.42 16.38 -23.75
C TRP A 103 6.34 15.64 -22.80
N PRO A 104 6.33 15.98 -21.51
CA PRO A 104 7.15 15.24 -20.53
C PRO A 104 6.55 13.88 -20.25
N ILE A 105 7.31 12.83 -20.59
CA ILE A 105 6.80 11.47 -20.42
C ILE A 105 6.65 11.14 -18.94
N ASP A 106 5.56 10.47 -18.61
CA ASP A 106 5.25 10.10 -17.23
C ASP A 106 4.67 8.70 -17.22
N VAL A 107 4.38 8.20 -16.01
CA VAL A 107 3.81 6.87 -15.84
C VAL A 107 2.61 6.94 -14.89
N MET A 108 2.45 8.08 -14.22
CA MET A 108 1.42 8.26 -13.21
C MET A 108 0.57 9.48 -13.50
N GLY A 109 0.18 9.68 -14.76
CA GLY A 109 -0.67 10.79 -15.12
C GLY A 109 -2.15 10.56 -14.90
N PHE A 110 -2.55 9.33 -14.59
CA PHE A 110 -3.96 9.00 -14.37
C PHE A 110 -4.10 8.32 -13.02
N VAL A 111 -5.28 8.52 -12.41
CA VAL A 111 -5.50 8.07 -11.03
C VAL A 111 -5.45 6.55 -10.95
N GLN A 112 -6.08 5.86 -11.91
CA GLN A 112 -6.16 4.40 -11.83
C GLN A 112 -4.78 3.76 -11.91
N GLN A 113 -3.93 4.25 -12.81
CA GLN A 113 -2.57 3.73 -12.90
C GLN A 113 -1.74 4.12 -11.67
N ARG A 114 -2.10 5.21 -10.99
CA ARG A 114 -1.42 5.57 -9.76
C ARG A 114 -1.68 4.55 -8.65
N ARG A 115 -2.95 4.19 -8.45
CA ARG A 115 -3.30 3.25 -7.40
C ARG A 115 -2.81 1.84 -7.69
N LYS A 116 -2.59 1.50 -8.96
CA LYS A 116 -2.06 0.19 -9.32
C LYS A 116 -0.54 0.14 -9.25
N LEU A 117 0.13 1.26 -9.47
CA LEU A 117 1.59 1.33 -9.40
C LEU A 117 2.10 1.60 -7.98
N GLU A 118 1.22 1.93 -7.04
CA GLU A 118 1.62 2.22 -5.67
C GLU A 118 1.30 1.08 -4.71
N LEU A 119 1.08 -0.13 -5.24
CA LEU A 119 1.06 -1.33 -4.42
C LEU A 119 2.46 -1.79 -4.06
N SER A 120 3.49 -1.21 -4.66
CA SER A 120 4.89 -1.54 -4.41
C SER A 120 5.65 -0.25 -4.14
N THR A 121 6.93 -0.40 -3.81
CA THR A 121 7.81 0.74 -3.56
C THR A 121 8.97 0.84 -4.52
N TYR A 122 9.57 -0.28 -4.89
CA TYR A 122 10.69 -0.31 -5.83
C TYR A 122 10.30 -1.14 -7.04
N MET A 123 10.60 -0.65 -8.24
CA MET A 123 10.23 -1.31 -9.48
C MET A 123 11.31 -1.10 -10.52
N ARG A 124 11.32 -1.99 -11.51
CA ARG A 124 12.28 -1.95 -12.61
C ARG A 124 11.66 -2.62 -13.82
N PHE A 125 11.68 -1.94 -14.96
CA PHE A 125 11.00 -2.44 -16.15
C PHE A 125 11.52 -1.71 -17.38
N ASP A 126 11.06 -2.14 -18.55
CA ASP A 126 11.27 -1.46 -19.82
C ASP A 126 9.93 -0.92 -20.33
N ALA A 127 10.00 -0.11 -21.39
CA ALA A 127 8.81 0.55 -21.90
C ALA A 127 8.79 0.50 -23.43
N GLU A 128 7.59 0.34 -23.99
CA GLU A 128 7.36 0.41 -25.43
C GLU A 128 6.24 1.41 -25.69
N PHE A 129 6.47 2.31 -26.65
CA PHE A 129 5.56 3.41 -26.92
C PHE A 129 5.00 3.31 -28.33
N THR A 130 3.71 3.61 -28.47
CA THR A 130 3.02 3.63 -29.76
C THR A 130 2.35 4.98 -29.94
N PHE A 131 2.35 5.47 -31.19
CA PHE A 131 1.81 6.79 -31.51
C PHE A 131 0.69 6.63 -32.54
N VAL A 132 -0.49 7.16 -32.23
CA VAL A 132 -1.58 7.26 -33.17
C VAL A 132 -1.92 8.74 -33.35
N SER A 133 -1.96 9.19 -34.59
CA SER A 133 -2.16 10.59 -34.91
C SER A 133 -3.22 10.73 -36.00
N ASN A 134 -3.97 11.82 -35.93
CA ASN A 134 -5.14 11.98 -36.79
C ASN A 134 -5.54 13.45 -36.81
N LEU A 135 -6.30 13.82 -37.85
CA LEU A 135 -6.86 15.16 -37.96
C LEU A 135 -8.10 15.26 -37.06
N ASN A 136 -8.86 16.34 -37.21
CA ASN A 136 -10.04 16.56 -36.38
C ASN A 136 -11.30 15.95 -36.95
N ASP A 137 -11.23 15.31 -38.12
CA ASP A 137 -12.41 14.71 -38.74
C ASP A 137 -12.13 13.28 -39.20
N SER A 138 -11.19 12.60 -38.54
CA SER A 138 -10.84 11.21 -38.86
C SER A 138 -10.42 11.06 -40.31
N THR A 139 -9.66 12.02 -40.81
CA THR A 139 -9.10 11.98 -42.15
C THR A 139 -7.59 11.87 -42.07
N THR A 140 -7.01 11.15 -43.04
CA THR A 140 -5.58 10.82 -43.04
C THR A 140 -4.93 11.21 -44.36
N PRO A 141 -4.62 12.49 -44.54
CA PRO A 141 -3.81 12.89 -45.71
C PRO A 141 -2.37 12.43 -45.58
N GLY A 142 -1.52 12.77 -46.55
CA GLY A 142 -0.17 12.27 -46.57
C GLY A 142 0.91 13.26 -46.22
N MET A 143 0.66 14.11 -45.24
CA MET A 143 1.69 15.06 -44.80
C MET A 143 2.69 14.38 -43.88
N LEU A 144 3.94 14.86 -43.95
CA LEU A 144 5.04 14.26 -43.21
C LEU A 144 5.12 14.83 -41.80
N LEU A 145 5.67 14.02 -40.88
CA LEU A 145 5.79 14.39 -39.47
C LEU A 145 7.09 13.83 -38.92
N GLN A 146 7.55 14.43 -37.83
CA GLN A 146 8.81 14.05 -37.20
C GLN A 146 8.60 13.87 -35.70
N TYR A 147 9.13 12.76 -35.15
CA TYR A 147 9.09 12.48 -33.73
C TYR A 147 10.51 12.37 -33.22
N MET A 148 10.84 13.11 -32.16
CA MET A 148 12.17 13.14 -31.59
C MET A 148 12.11 12.92 -30.09
N TYR A 149 13.01 12.10 -29.57
CA TYR A 149 13.13 11.83 -28.15
C TYR A 149 14.46 12.39 -27.64
N VAL A 150 14.40 13.12 -26.54
CA VAL A 150 15.59 13.73 -25.93
C VAL A 150 15.84 13.05 -24.60
N PRO A 151 17.05 12.54 -24.34
CA PRO A 151 17.34 11.91 -23.05
C PRO A 151 17.40 12.94 -21.94
N PRO A 152 17.28 12.51 -20.69
CA PRO A 152 17.35 13.47 -19.57
C PRO A 152 18.69 14.18 -19.54
N GLY A 153 18.65 15.46 -19.18
CA GLY A 153 19.86 16.27 -19.15
C GLY A 153 20.28 16.75 -20.53
N ALA A 154 19.37 17.44 -21.22
CA ALA A 154 19.64 17.96 -22.56
C ALA A 154 18.64 19.07 -22.86
N PRO A 155 19.06 20.09 -23.61
CA PRO A 155 18.12 21.17 -23.95
C PRO A 155 17.00 20.68 -24.86
N LYS A 156 15.84 21.33 -24.76
CA LYS A 156 14.69 20.93 -25.60
C LYS A 156 14.44 22.03 -26.65
N PRO A 157 13.88 21.71 -27.83
CA PRO A 157 13.56 22.72 -28.84
C PRO A 157 12.72 23.87 -28.26
N ASP A 158 12.75 25.04 -28.90
CA ASP A 158 12.03 26.22 -28.36
C ASP A 158 11.41 27.00 -29.50
N SER A 159 11.52 26.49 -30.72
CA SER A 159 10.93 27.18 -31.88
C SER A 159 10.60 26.20 -33.00
N ARG A 160 9.81 26.65 -33.96
CA ARG A 160 9.44 25.78 -35.11
C ARG A 160 10.72 25.32 -35.81
N LYS A 161 11.71 26.20 -35.97
CA LYS A 161 12.84 25.68 -36.75
C LYS A 161 14.16 25.97 -36.03
N SER A 162 14.21 25.61 -34.75
CA SER A 162 15.40 25.89 -33.94
C SER A 162 16.56 24.96 -34.34
N TYR A 163 17.70 25.16 -33.67
CA TYR A 163 18.90 24.40 -34.00
C TYR A 163 18.82 22.95 -33.50
N GLN A 164 18.11 22.73 -32.38
CA GLN A 164 18.09 21.41 -31.76
C GLN A 164 17.37 20.36 -32.61
N TRP A 165 16.66 20.76 -33.66
CA TRP A 165 15.99 19.80 -34.53
C TRP A 165 16.96 19.00 -35.38
N GLN A 166 18.24 19.38 -35.43
CA GLN A 166 19.26 18.64 -36.17
C GLN A 166 20.44 18.37 -35.23
N THR A 167 20.35 17.27 -34.50
CA THR A 167 21.45 16.80 -33.67
C THR A 167 21.53 15.29 -33.78
N ALA A 168 22.76 14.76 -33.81
CA ALA A 168 22.98 13.35 -34.07
C ALA A 168 22.76 12.47 -32.84
N THR A 169 22.55 13.09 -31.68
CA THR A 169 22.47 12.34 -30.40
C THR A 169 21.06 12.35 -29.82
N ASN A 170 20.11 13.08 -30.44
CA ASN A 170 18.70 13.06 -30.00
C ASN A 170 17.96 12.14 -30.96
N PRO A 171 17.79 10.84 -30.65
CA PRO A 171 17.22 9.89 -31.60
C PRO A 171 15.86 10.35 -32.15
N SER A 172 15.77 10.57 -33.46
CA SER A 172 14.50 11.06 -34.08
C SER A 172 14.01 10.07 -35.13
N VAL A 173 12.72 10.12 -35.46
CA VAL A 173 12.17 9.20 -36.45
C VAL A 173 11.23 9.97 -37.37
N PHE A 174 11.12 9.51 -38.61
CA PHE A 174 10.31 10.16 -39.64
C PHE A 174 9.23 9.20 -40.12
N ALA A 175 8.01 9.70 -40.23
CA ALA A 175 6.89 8.90 -40.72
C ALA A 175 5.83 9.82 -41.29
N LYS A 176 4.97 9.25 -42.13
CA LYS A 176 3.88 9.99 -42.76
C LYS A 176 2.60 9.88 -41.95
N LEU A 177 1.62 10.71 -42.30
CA LEU A 177 0.33 10.71 -41.62
C LEU A 177 -0.56 9.56 -42.05
N SER A 178 -0.36 9.02 -43.25
CA SER A 178 -1.16 7.91 -43.77
C SER A 178 -0.24 6.68 -43.85
N ASP A 179 -0.13 5.97 -42.74
CA ASP A 179 0.75 4.82 -42.62
C ASP A 179 0.43 4.09 -41.31
N PRO A 180 0.88 2.85 -41.17
CA PRO A 180 0.72 2.17 -39.88
C PRO A 180 1.40 2.96 -38.77
N PRO A 181 0.84 2.94 -37.58
CA PRO A 181 1.34 3.80 -36.50
C PRO A 181 2.79 3.49 -36.15
N PRO A 182 3.59 4.50 -35.87
CA PRO A 182 4.97 4.25 -35.44
C PRO A 182 5.03 3.59 -34.07
N GLN A 183 6.08 2.80 -33.86
CA GLN A 183 6.26 2.05 -32.63
C GLN A 183 7.75 1.99 -32.30
N VAL A 184 8.10 2.36 -31.06
CA VAL A 184 9.48 2.43 -30.63
C VAL A 184 9.60 1.92 -29.19
N SER A 185 10.83 1.57 -28.81
CA SER A 185 11.11 1.03 -27.48
C SER A 185 12.23 1.84 -26.83
N VAL A 186 12.18 1.93 -25.50
CA VAL A 186 13.14 2.73 -24.73
C VAL A 186 13.64 1.89 -23.56
N PRO A 187 14.94 1.90 -23.26
CA PRO A 187 15.48 1.06 -22.19
C PRO A 187 15.15 1.63 -20.81
N PHE A 188 15.66 0.95 -19.78
CA PHE A 188 15.49 1.35 -18.39
C PHE A 188 16.48 2.46 -18.08
N MET A 189 15.99 3.69 -17.96
CA MET A 189 16.82 4.88 -17.78
C MET A 189 16.74 5.33 -16.32
N SER A 190 17.80 5.07 -15.56
CA SER A 190 17.84 5.46 -14.16
C SER A 190 19.26 5.39 -13.65
N PRO A 191 19.68 6.28 -12.75
CA PRO A 191 21.03 6.19 -12.15
C PRO A 191 21.10 5.32 -10.91
N ALA A 192 20.01 4.65 -10.55
CA ALA A 192 19.94 3.76 -9.39
C ALA A 192 19.64 2.34 -9.89
N THR A 193 19.35 1.45 -8.96
CA THR A 193 19.01 0.08 -9.33
C THR A 193 17.51 -0.14 -9.48
N ALA A 194 16.68 0.86 -9.20
CA ALA A 194 15.23 0.73 -9.33
C ALA A 194 14.60 2.11 -9.21
N TYR A 195 13.35 2.19 -9.67
CA TYR A 195 12.53 3.39 -9.49
C TYR A 195 11.94 3.42 -8.09
N GLN A 196 11.71 4.63 -7.58
CA GLN A 196 11.11 4.82 -6.26
C GLN A 196 9.91 5.74 -6.39
N TRP A 197 8.75 5.28 -5.93
CA TRP A 197 7.57 6.13 -5.86
C TRP A 197 7.49 6.89 -4.53
N PHE A 198 8.09 6.36 -3.48
CA PHE A 198 8.15 7.01 -2.18
C PHE A 198 9.61 7.19 -1.78
N TYR A 199 9.98 8.42 -1.47
CA TYR A 199 11.36 8.76 -1.11
C TYR A 199 11.32 9.57 0.18
N ASP A 200 11.74 8.94 1.29
CA ASP A 200 11.70 9.57 2.60
C ASP A 200 12.79 10.61 2.80
N GLY A 201 13.80 10.65 1.94
CA GLY A 201 14.89 11.59 2.09
C GLY A 201 14.52 12.99 1.65
N TYR A 202 15.47 13.91 1.85
CA TYR A 202 15.27 15.31 1.49
C TYR A 202 16.35 15.79 0.53
N CYS A 219 6.47 18.10 -14.09
CA CYS A 219 7.78 17.87 -13.49
C CYS A 219 7.81 16.56 -12.71
N PRO A 220 7.94 15.44 -13.42
CA PRO A 220 7.98 14.14 -12.73
C PRO A 220 9.26 13.97 -11.93
N ASN A 221 9.16 13.16 -10.87
CA ASN A 221 10.33 12.89 -10.04
C ASN A 221 11.31 11.98 -10.76
N ASN A 222 10.84 10.84 -11.27
CA ASN A 222 11.68 9.90 -12.00
C ASN A 222 11.78 10.38 -13.44
N MET A 223 12.77 11.24 -13.70
CA MET A 223 12.94 11.83 -15.02
C MET A 223 13.34 10.77 -16.03
N MET A 224 12.69 10.78 -17.20
CA MET A 224 12.96 9.78 -18.21
C MET A 224 13.26 10.41 -19.58
N GLY A 225 12.61 11.53 -19.89
CA GLY A 225 12.88 12.21 -21.14
C GLY A 225 11.70 13.05 -21.58
N HIS A 226 11.68 13.36 -22.87
CA HIS A 226 10.63 14.17 -23.48
C HIS A 226 10.41 13.71 -24.91
N PHE A 227 9.32 14.20 -25.51
CA PHE A 227 8.99 13.90 -26.89
C PHE A 227 8.57 15.19 -27.60
N ALA A 228 9.36 15.59 -28.59
CA ALA A 228 9.07 16.77 -29.39
C ALA A 228 8.53 16.33 -30.74
N ILE A 229 7.38 16.88 -31.14
CA ILE A 229 6.70 16.51 -32.37
C ILE A 229 6.61 17.74 -33.26
N ARG A 230 7.07 17.60 -34.51
CA ARG A 230 7.11 18.69 -35.46
C ARG A 230 6.55 18.24 -36.80
N THR A 231 5.85 19.14 -37.48
CA THR A 231 5.46 18.96 -38.87
C THR A 231 6.47 19.67 -39.75
N VAL A 232 7.11 18.91 -40.64
CA VAL A 232 8.17 19.46 -41.48
C VAL A 232 7.56 20.35 -42.55
N SER A 233 7.66 21.66 -42.37
CA SER A 233 7.11 22.61 -43.32
C SER A 233 7.85 23.94 -43.17
N GLU A 234 7.78 24.76 -44.22
CA GLU A 234 8.42 26.07 -44.19
C GLU A 234 7.54 27.10 -43.50
N SER A 235 6.34 27.32 -44.02
CA SER A 235 5.39 28.27 -43.47
C SER A 235 4.31 27.54 -42.68
N THR A 236 3.29 28.28 -42.25
CA THR A 236 2.21 27.69 -41.50
C THR A 236 1.34 26.81 -42.40
N THR A 237 0.53 25.96 -41.76
CA THR A 237 -0.35 25.05 -42.48
C THR A 237 -1.83 25.33 -42.26
N GLY A 238 -2.21 25.78 -41.06
CA GLY A 238 -3.60 26.06 -40.75
C GLY A 238 -4.42 24.87 -40.29
N LYS A 239 -3.83 23.69 -40.23
CA LYS A 239 -4.53 22.47 -39.84
C LYS A 239 -3.96 21.95 -38.53
N ASN A 240 -4.84 21.71 -37.55
CA ASN A 240 -4.43 21.16 -36.27
C ASN A 240 -4.32 19.63 -36.36
N VAL A 241 -3.53 19.06 -35.45
CA VAL A 241 -3.29 17.62 -35.41
C VAL A 241 -3.49 17.14 -33.98
N HIS A 242 -4.20 16.02 -33.83
CA HIS A 242 -4.43 15.40 -32.53
C HIS A 242 -3.63 14.11 -32.44
N VAL A 243 -2.89 13.93 -31.34
CA VAL A 243 -2.01 12.79 -31.16
C VAL A 243 -2.31 12.14 -29.82
N ARG A 244 -2.49 10.83 -29.83
CA ARG A 244 -2.54 10.01 -28.62
C ARG A 244 -1.30 9.12 -28.56
N VAL A 245 -1.01 8.62 -27.36
CA VAL A 245 0.18 7.81 -27.13
C VAL A 245 -0.17 6.66 -26.18
N TYR A 246 0.32 5.46 -26.50
CA TYR A 246 0.09 4.26 -25.70
C TYR A 246 1.43 3.69 -25.25
N MET A 247 1.46 3.16 -24.03
CA MET A 247 2.69 2.64 -23.44
C MET A 247 2.47 1.22 -22.95
N ARG A 248 3.40 0.33 -23.31
CA ARG A 248 3.48 -1.02 -22.79
C ARG A 248 4.76 -1.17 -21.99
N ILE A 249 4.70 -1.91 -20.89
CA ILE A 249 5.85 -2.13 -20.01
C ILE A 249 6.15 -3.61 -19.96
N LYS A 250 7.45 -3.95 -19.98
CA LYS A 250 7.90 -5.33 -20.03
C LYS A 250 8.95 -5.57 -18.97
N HIS A 251 9.05 -6.84 -18.54
CA HIS A 251 10.04 -7.29 -17.57
C HIS A 251 9.93 -6.51 -16.26
N VAL A 252 8.78 -6.66 -15.61
CA VAL A 252 8.50 -5.96 -14.36
C VAL A 252 9.12 -6.71 -13.19
N ARG A 253 9.49 -5.96 -12.15
CA ARG A 253 10.04 -6.53 -10.93
C ARG A 253 9.68 -5.62 -9.77
N ALA A 254 8.87 -6.13 -8.84
CA ALA A 254 8.44 -5.37 -7.66
C ALA A 254 8.94 -6.08 -6.41
N TRP A 255 9.30 -5.31 -5.39
CA TRP A 255 10.05 -5.84 -4.25
C TRP A 255 9.28 -5.82 -2.95
N VAL A 256 8.83 -4.66 -2.47
CA VAL A 256 8.19 -4.55 -1.16
C VAL A 256 6.79 -3.97 -1.34
N PRO A 257 5.76 -4.59 -0.79
CA PRO A 257 4.40 -4.10 -0.96
C PRO A 257 3.98 -3.14 0.16
N ARG A 258 2.84 -2.49 -0.06
CA ARG A 258 2.26 -1.58 0.92
C ARG A 258 0.76 -1.48 0.64
N PRO A 259 -0.05 -1.11 1.63
CA PRO A 259 -1.50 -1.04 1.42
C PRO A 259 -1.89 -0.03 0.36
N LEU A 260 -3.14 -0.12 -0.06
CA LEU A 260 -3.68 0.74 -1.11
C LEU A 260 -4.12 2.07 -0.52
N ARG A 261 -4.78 2.88 -1.33
CA ARG A 261 -5.19 4.24 -0.93
C ARG A 261 -6.70 4.31 -0.78
N SER A 262 -7.14 4.90 0.33
CA SER A 262 -8.56 5.11 0.59
C SER A 262 -8.99 6.56 0.49
N GLN A 263 -8.06 7.50 0.57
CA GLN A 263 -8.38 8.93 0.50
C GLN A 263 -8.25 9.44 -0.93
N ALA A 264 -8.95 10.53 -1.20
CA ALA A 264 -8.95 11.13 -2.53
C ALA A 264 -7.62 11.79 -2.84
N TYR A 265 -7.17 11.66 -4.08
CA TYR A 265 -5.96 12.34 -4.52
C TYR A 265 -6.21 13.83 -4.68
N MET A 266 -5.24 14.64 -4.28
CA MET A 266 -5.36 16.09 -4.38
C MET A 266 -4.26 16.70 -5.24
N VAL A 267 -3.00 16.35 -5.01
CA VAL A 267 -1.87 16.94 -5.71
C VAL A 267 -0.99 15.83 -6.28
N LYS A 268 -0.25 16.17 -7.33
CA LYS A 268 0.70 15.27 -7.93
C LYS A 268 2.03 15.35 -7.20
N ASN A 269 2.74 14.22 -7.17
CA ASN A 269 4.05 14.03 -6.54
C ASN A 269 4.01 14.17 -5.02
N TYR A 270 2.84 14.38 -4.41
CA TYR A 270 2.73 14.55 -2.97
C TYR A 270 1.49 13.83 -2.45
N PRO A 271 1.59 13.20 -1.28
CA PRO A 271 0.46 12.40 -0.76
C PRO A 271 -0.54 13.20 0.07
N THR A 272 -0.52 14.52 -0.06
CA THR A 272 -1.40 15.36 0.74
C THR A 272 -2.87 14.99 0.53
N TYR A 273 -3.63 14.97 1.63
CA TYR A 273 -5.02 14.54 1.61
C TYR A 273 -5.89 15.58 2.29
N SER A 274 -7.20 15.52 2.01
CA SER A 274 -8.15 16.49 2.51
C SER A 274 -8.36 16.31 4.02
N GLN A 275 -9.07 17.28 4.61
CA GLN A 275 -9.28 17.32 6.05
C GLN A 275 -10.56 16.61 6.49
N THR A 276 -11.39 16.15 5.55
CA THR A 276 -12.64 15.45 5.88
C THR A 276 -12.39 13.96 5.66
N ILE A 277 -11.96 13.27 6.72
CA ILE A 277 -11.63 11.86 6.62
C ILE A 277 -12.90 11.07 6.32
N THR A 278 -12.83 10.21 5.30
CA THR A 278 -13.95 9.38 4.88
C THR A 278 -13.71 7.94 5.30
N ASN A 279 -14.76 7.30 5.79
CA ASN A 279 -14.66 5.92 6.24
C ASN A 279 -14.43 4.98 5.06
N THR A 280 -13.65 3.93 5.29
CA THR A 280 -13.29 3.00 4.22
C THR A 280 -14.45 2.08 3.85
N ALA A 281 -15.37 1.83 4.77
CA ALA A 281 -16.44 0.87 4.57
C ALA A 281 -17.79 1.57 4.59
N THR A 282 -18.73 1.03 3.82
CA THR A 282 -20.09 1.55 3.83
C THR A 282 -20.71 1.37 5.22
N ASP A 283 -21.81 2.07 5.45
CA ASP A 283 -22.44 2.09 6.77
C ASP A 283 -23.58 1.08 6.85
N ARG A 284 -24.00 0.80 8.07
CA ARG A 284 -25.06 -0.16 8.36
C ARG A 284 -25.92 0.38 9.50
N ALA A 285 -27.19 -0.01 9.50
CA ALA A 285 -28.10 0.46 10.54
C ALA A 285 -27.71 -0.06 11.91
N SER A 286 -27.35 -1.34 12.00
CA SER A 286 -27.01 -1.94 13.28
C SER A 286 -26.04 -3.09 13.05
N ILE A 287 -25.34 -3.48 14.11
CA ILE A 287 -24.38 -4.59 14.03
C ILE A 287 -25.06 -5.95 14.08
N THR A 288 -26.38 -6.00 14.26
CA THR A 288 -27.13 -7.25 14.27
C THR A 288 -28.18 -7.31 13.17
N THR A 289 -27.99 -6.55 12.09
CA THR A 289 -28.96 -6.49 11.00
C THR A 289 -28.28 -6.78 9.68
N THR A 290 -29.06 -7.31 8.74
CA THR A 290 -28.55 -7.66 7.42
C THR A 290 -29.75 -7.81 6.47
N ASP A 291 -29.44 -7.92 5.19
CA ASP A 291 -30.49 -8.08 4.17
C ASP A 291 -30.38 -9.45 3.51
N ALA B 98 12.48 -15.55 23.10
CA ALA B 98 11.03 -15.40 23.04
C ALA B 98 10.52 -15.50 21.61
N ASN B 99 9.47 -14.73 21.30
CA ASN B 99 8.86 -14.75 19.98
C ASN B 99 9.43 -13.60 19.13
N ILE B 100 10.69 -13.78 18.75
CA ILE B 100 11.36 -12.80 17.91
C ILE B 100 10.94 -13.01 16.45
N VAL B 101 10.76 -11.90 15.73
CA VAL B 101 10.36 -11.94 14.33
C VAL B 101 11.48 -11.31 13.50
N LEU B 102 11.90 -12.00 12.45
CA LEU B 102 12.92 -11.51 11.53
C LEU B 102 12.23 -10.96 10.28
N SER B 103 12.44 -9.68 10.02
CA SER B 103 11.75 -9.02 8.91
C SER B 103 12.30 -9.51 7.58
N TYR B 104 11.42 -10.03 6.73
CA TYR B 104 11.73 -10.54 5.41
C TYR B 104 12.69 -11.74 5.44
N GLY B 105 12.98 -12.27 6.62
CA GLY B 105 13.69 -13.52 6.75
C GLY B 105 15.19 -13.47 6.54
N GLU B 106 15.78 -12.29 6.42
CA GLU B 106 17.21 -12.16 6.15
C GLU B 106 17.85 -11.16 7.10
N TRP B 107 18.93 -11.58 7.76
CA TRP B 107 19.74 -10.68 8.57
C TRP B 107 20.60 -9.79 7.67
N PRO B 108 21.06 -8.65 8.18
CA PRO B 108 21.92 -7.77 7.36
C PRO B 108 23.14 -8.48 6.80
N GLU B 109 23.92 -9.17 7.65
CA GLU B 109 25.06 -9.96 7.22
C GLU B 109 26.09 -9.10 6.47
N TYR B 110 26.43 -7.96 7.06
CA TYR B 110 27.44 -7.05 6.52
C TYR B 110 27.20 -6.71 5.05
N VAL B 127 31.28 -3.18 20.90
CA VAL B 127 32.39 -2.80 21.76
C VAL B 127 32.24 -1.36 22.23
N SER B 128 32.44 -0.42 21.30
CA SER B 128 32.33 1.00 21.57
C SER B 128 31.08 1.62 20.97
N VAL B 129 30.78 1.32 19.71
CA VAL B 129 29.60 1.85 19.03
C VAL B 129 28.51 0.80 18.86
N ASN B 130 28.71 -0.41 19.36
CA ASN B 130 27.72 -1.48 19.30
C ASN B 130 27.33 -1.82 20.73
N ARG B 131 26.33 -1.11 21.24
CA ARG B 131 25.85 -1.31 22.61
C ARG B 131 24.39 -0.89 22.68
N PHE B 132 23.76 -1.17 23.81
CA PHE B 132 22.35 -0.88 24.00
C PHE B 132 22.16 0.60 24.35
N TYR B 133 21.21 1.25 23.67
CA TYR B 133 20.84 2.63 23.93
C TYR B 133 19.40 2.67 24.40
N THR B 134 19.18 3.09 25.64
CA THR B 134 17.84 3.17 26.21
C THR B 134 17.29 4.58 25.99
N LEU B 135 16.16 4.67 25.30
CA LEU B 135 15.56 5.94 24.95
C LEU B 135 14.65 6.43 26.08
N SER B 136 14.06 7.60 25.88
CA SER B 136 13.18 8.19 26.88
C SER B 136 11.87 7.41 26.98
N THR B 137 11.35 7.34 28.21
CA THR B 137 10.11 6.63 28.48
C THR B 137 8.91 7.50 28.13
N LYS B 138 7.90 6.88 27.53
CA LYS B 138 6.66 7.56 27.13
C LYS B 138 5.51 7.06 28.00
N SER B 139 4.61 7.98 28.34
CA SER B 139 3.47 7.68 29.21
C SER B 139 2.23 7.38 28.38
N TRP B 140 1.51 6.33 28.77
CA TRP B 140 0.29 5.90 28.11
C TRP B 140 -0.90 6.29 28.98
N LYS B 141 -1.87 6.97 28.39
CA LYS B 141 -3.06 7.43 29.09
C LYS B 141 -4.31 6.86 28.42
N THR B 142 -5.47 7.13 29.02
CA THR B 142 -6.74 6.71 28.43
C THR B 142 -6.95 7.37 27.07
N GLU B 143 -6.64 8.65 26.96
CA GLU B 143 -6.67 9.36 25.69
C GLU B 143 -5.24 9.47 25.16
N SER B 144 -5.00 8.89 23.99
CA SER B 144 -3.68 8.86 23.37
C SER B 144 -3.83 8.35 21.96
N THR B 145 -2.96 8.85 21.07
CA THR B 145 -3.01 8.52 19.66
C THR B 145 -1.90 7.58 19.23
N GLY B 146 -0.66 7.88 19.58
CA GLY B 146 0.46 7.04 19.21
C GLY B 146 1.72 7.87 19.04
N TRP B 147 2.81 7.17 18.75
CA TRP B 147 4.11 7.81 18.56
C TRP B 147 4.85 7.10 17.44
N TYR B 148 5.81 7.81 16.84
CA TYR B 148 6.63 7.23 15.79
C TYR B 148 8.03 7.83 15.83
N TRP B 149 9.00 7.14 15.24
CA TRP B 149 10.42 7.57 15.29
C TRP B 149 11.12 7.28 13.97
N LYS B 150 11.75 8.28 13.33
CA LYS B 150 12.56 8.01 12.10
C LYS B 150 13.82 7.29 12.58
N PHE B 151 14.22 6.19 11.93
CA PHE B 151 15.32 5.38 12.54
C PHE B 151 16.73 5.57 11.99
N PRO B 152 17.04 6.26 10.89
CA PRO B 152 18.46 6.55 10.56
C PRO B 152 18.92 7.76 11.38
N ASP B 153 18.01 8.50 12.03
CA ASP B 153 18.36 9.78 12.71
C ASP B 153 18.15 9.74 14.24
N VAL B 154 17.33 8.84 14.77
CA VAL B 154 17.05 8.84 16.20
C VAL B 154 18.34 8.90 17.01
N LEU B 155 19.44 8.38 16.45
CA LEU B 155 20.72 8.35 17.13
C LEU B 155 21.74 9.29 16.49
N ASN B 156 21.28 10.28 15.73
CA ASN B 156 22.16 11.26 15.12
C ASN B 156 22.49 12.42 16.06
N ASP B 157 22.27 12.25 17.36
CA ASP B 157 22.66 13.26 18.34
C ASP B 157 23.18 12.66 19.64
N THR B 158 23.49 11.37 19.69
CA THR B 158 23.74 10.70 20.96
C THR B 158 24.82 9.64 20.81
N GLY B 159 25.80 9.69 21.70
CA GLY B 159 26.86 8.70 21.73
C GLY B 159 27.91 8.92 20.66
N VAL B 160 28.79 7.93 20.55
CA VAL B 160 29.81 7.96 19.50
C VAL B 160 29.17 7.85 18.13
N PHE B 161 28.09 7.05 18.02
CA PHE B 161 27.44 6.84 16.72
C PHE B 161 26.99 8.16 16.10
N GLY B 162 26.51 9.09 16.92
CA GLY B 162 26.16 10.39 16.39
C GLY B 162 27.35 11.12 15.79
N GLN B 163 28.53 10.96 16.40
CA GLN B 163 29.71 11.69 15.95
C GLN B 163 30.21 11.18 14.60
N ASN B 164 30.35 9.86 14.45
CA ASN B 164 30.88 9.33 13.21
C ASN B 164 29.84 9.30 12.09
N ALA B 165 28.55 9.41 12.42
CA ALA B 165 27.53 9.54 11.39
C ALA B 165 27.52 10.94 10.79
N GLN B 166 27.67 11.96 11.63
CA GLN B 166 27.67 13.34 11.15
C GLN B 166 28.96 13.69 10.41
N PHE B 167 30.06 13.00 10.71
CA PHE B 167 31.33 13.30 10.06
C PHE B 167 31.46 12.61 8.71
N HIS B 168 31.30 11.29 8.70
CA HIS B 168 31.48 10.52 7.47
C HIS B 168 30.33 10.76 6.51
N TYR B 169 30.64 10.68 5.20
CA TYR B 169 29.65 10.97 4.17
C TYR B 169 28.64 9.85 4.00
N LEU B 170 29.10 8.60 4.05
CA LEU B 170 28.28 7.45 3.69
C LEU B 170 27.98 6.59 4.92
N TYR B 171 26.91 5.82 4.84
CA TYR B 171 26.43 5.06 5.99
C TYR B 171 25.59 3.88 5.54
N ARG B 172 25.71 2.77 6.29
CA ARG B 172 24.85 1.60 6.14
C ARG B 172 24.89 0.83 7.45
N SER B 173 23.75 0.23 7.80
CA SER B 173 23.65 -0.52 9.06
C SER B 173 22.32 -1.23 9.15
N GLY B 174 22.28 -2.25 10.01
CA GLY B 174 21.06 -2.86 10.45
C GLY B 174 20.74 -2.47 11.89
N PHE B 175 19.60 -2.96 12.38
CA PHE B 175 19.14 -2.55 13.69
C PHE B 175 18.35 -3.67 14.36
N CYS B 176 18.30 -3.61 15.69
CA CYS B 176 17.48 -4.49 16.50
C CYS B 176 16.77 -3.65 17.55
N MET B 177 15.46 -3.81 17.66
CA MET B 177 14.64 -2.98 18.54
C MET B 177 13.82 -3.85 19.48
N HIS B 178 13.66 -3.38 20.72
CA HIS B 178 12.87 -4.07 21.73
C HIS B 178 12.01 -3.05 22.47
N VAL B 179 10.76 -3.41 22.71
CA VAL B 179 9.79 -2.55 23.38
C VAL B 179 9.30 -3.27 24.63
N GLN B 180 9.33 -2.57 25.76
CA GLN B 180 8.97 -3.14 27.05
C GLN B 180 7.83 -2.38 27.70
N CYS B 181 6.94 -3.10 28.37
CA CYS B 181 5.83 -2.53 29.11
C CYS B 181 5.94 -2.91 30.58
N ASN B 182 5.24 -2.15 31.43
CA ASN B 182 5.31 -2.37 32.88
C ASN B 182 3.93 -2.04 33.47
N ALA B 183 3.09 -3.06 33.59
CA ALA B 183 1.74 -2.91 34.11
C ALA B 183 1.45 -4.02 35.11
N SER B 184 0.25 -4.00 35.66
CA SER B 184 -0.20 -4.98 36.64
C SER B 184 -1.35 -5.80 36.04
N LYS B 185 -1.93 -6.67 36.87
CA LYS B 185 -2.99 -7.56 36.45
C LYS B 185 -4.38 -6.94 36.54
N PHE B 186 -4.48 -5.68 36.98
CA PHE B 186 -5.75 -4.99 37.06
C PHE B 186 -5.91 -3.93 35.97
N HIS B 187 -5.01 -3.91 34.99
CA HIS B 187 -5.08 -3.01 33.86
C HIS B 187 -5.46 -3.77 32.59
N GLN B 188 -5.87 -3.02 31.57
CA GLN B 188 -6.36 -3.62 30.33
C GLN B 188 -5.95 -2.75 29.15
N GLY B 189 -5.64 -3.39 28.04
CA GLY B 189 -5.29 -2.68 26.83
C GLY B 189 -4.62 -3.59 25.83
N ALA B 190 -4.27 -2.99 24.69
CA ALA B 190 -3.55 -3.69 23.63
C ALA B 190 -2.92 -2.66 22.69
N LEU B 191 -1.72 -2.97 22.21
CA LEU B 191 -0.95 -2.08 21.35
C LEU B 191 -0.57 -2.79 20.07
N LEU B 192 -0.03 -2.02 19.12
CA LEU B 192 0.50 -2.55 17.88
C LEU B 192 1.83 -1.87 17.58
N VAL B 193 2.83 -2.66 17.21
CA VAL B 193 4.17 -2.16 16.90
C VAL B 193 4.49 -2.55 15.45
N ALA B 194 4.82 -1.56 14.63
CA ALA B 194 5.05 -1.78 13.21
C ALA B 194 6.30 -1.04 12.76
N ALA B 195 6.90 -1.53 11.69
CA ALA B 195 8.07 -0.91 11.06
C ALA B 195 7.78 -0.67 9.59
N ILE B 196 7.95 0.57 9.15
CA ILE B 196 7.54 0.98 7.80
C ILE B 196 8.75 1.45 7.01
N PRO B 197 9.17 0.72 5.97
CA PRO B 197 10.24 1.23 5.10
C PRO B 197 9.75 2.42 4.28
N GLU B 198 10.53 3.50 4.31
CA GLU B 198 10.21 4.73 3.59
C GLU B 198 8.87 5.32 4.04
N PHE B 199 8.79 5.63 5.33
CA PHE B 199 7.59 6.20 5.92
C PHE B 199 7.57 7.70 5.65
N VAL B 200 6.82 8.10 4.62
CA VAL B 200 6.65 9.50 4.28
C VAL B 200 5.41 10.04 4.96
N VAL B 201 5.55 11.17 5.64
CA VAL B 201 4.44 11.79 6.39
C VAL B 201 3.85 12.89 5.53
N ALA B 202 2.52 12.87 5.37
CA ALA B 202 1.81 13.86 4.59
C ALA B 202 1.17 14.90 5.50
N ALA B 203 0.72 15.99 4.89
CA ALA B 203 0.07 17.08 5.60
C ALA B 203 -1.34 17.27 5.09
N SER B 204 -2.27 17.49 6.02
CA SER B 204 -3.67 17.66 5.67
C SER B 204 -3.91 19.08 5.15
N SER B 205 -5.15 19.34 4.73
CA SER B 205 -5.52 20.64 4.18
C SER B 205 -6.44 21.40 5.13
N GLY B 214 -0.71 23.79 3.53
CA GLY B 214 0.27 24.41 2.65
C GLY B 214 1.06 23.40 1.84
N LEU B 215 0.59 22.15 1.83
CA LEU B 215 1.19 21.05 1.10
C LEU B 215 2.63 20.75 1.52
N TYR B 216 3.08 21.31 2.65
CA TYR B 216 4.45 21.15 3.11
C TYR B 216 4.47 21.00 4.62
N PRO B 217 4.65 19.78 5.13
CA PRO B 217 4.88 19.62 6.56
C PRO B 217 6.21 20.24 6.96
N ASP B 218 6.26 20.76 8.18
CA ASP B 218 7.46 21.44 8.66
C ASP B 218 8.53 20.42 9.03
N PHE B 219 9.67 20.94 9.51
CA PHE B 219 10.80 20.08 9.85
C PHE B 219 10.51 19.18 11.04
N ALA B 220 9.72 19.67 12.01
CA ALA B 220 9.54 18.95 13.27
C ALA B 220 8.91 17.58 13.06
N HIS B 221 7.82 17.53 12.29
CA HIS B 221 7.15 16.25 12.05
C HIS B 221 8.03 15.31 11.23
N THR B 222 8.70 15.84 10.21
CA THR B 222 9.48 15.00 9.31
C THR B 222 10.70 14.41 10.01
N ASN B 223 11.40 15.22 10.81
CA ASN B 223 12.63 14.81 11.48
C ASN B 223 12.53 15.06 12.97
N PRO B 224 11.74 14.27 13.69
CA PRO B 224 11.69 14.42 15.15
C PRO B 224 12.98 13.93 15.80
N GLY B 225 13.19 14.41 17.02
CA GLY B 225 14.36 13.99 17.77
C GLY B 225 14.27 12.56 18.25
N LYS B 226 15.10 12.20 19.23
CA LYS B 226 15.05 10.85 19.79
C LYS B 226 13.75 10.58 20.53
N ASN B 227 13.00 11.63 20.90
CA ASN B 227 11.75 11.46 21.62
C ASN B 227 10.57 11.14 20.71
N GLY B 228 10.70 11.36 19.40
CA GLY B 228 9.63 11.05 18.48
C GLY B 228 8.53 12.10 18.46
N GLN B 229 7.53 11.83 17.63
CA GLN B 229 6.40 12.73 17.43
C GLN B 229 5.09 11.98 17.63
N GLU B 230 4.14 12.64 18.29
CA GLU B 230 2.84 12.03 18.54
C GLU B 230 1.97 12.08 17.29
N PHE B 231 1.24 11.00 17.04
CA PHE B 231 0.39 10.93 15.87
C PHE B 231 -0.77 11.92 15.97
N ARG B 232 -1.14 12.50 14.83
CA ARG B 232 -2.23 13.46 14.77
C ARG B 232 -3.55 12.80 14.39
N ASP B 233 -3.54 11.96 13.35
CA ASP B 233 -4.72 11.25 12.88
C ASP B 233 -4.38 9.78 12.70
N PRO B 234 -4.51 8.99 13.77
CA PRO B 234 -4.10 7.57 13.68
C PRO B 234 -4.88 6.76 12.66
N TYR B 235 -6.14 7.11 12.39
CA TYR B 235 -6.99 6.26 11.55
C TYR B 235 -6.41 6.11 10.14
N VAL B 236 -5.93 7.21 9.55
CA VAL B 236 -5.31 7.17 8.24
C VAL B 236 -3.79 7.08 8.32
N LEU B 237 -3.25 6.79 9.51
CA LEU B 237 -1.81 6.70 9.75
C LEU B 237 -1.07 7.98 9.39
N ASP B 238 -1.78 9.11 9.38
CA ASP B 238 -1.25 10.42 9.02
C ASP B 238 -0.66 10.44 7.61
N ALA B 239 -0.99 9.44 6.79
CA ALA B 239 -0.52 9.39 5.41
C ALA B 239 -1.59 8.90 4.45
N GLY B 240 -2.86 8.92 4.86
CA GLY B 240 -3.93 8.38 4.05
C GLY B 240 -3.83 6.89 3.84
N ILE B 241 -3.47 6.14 4.88
CA ILE B 241 -3.29 4.70 4.82
C ILE B 241 -4.25 4.07 5.81
N PRO B 242 -5.07 3.10 5.40
CA PRO B 242 -6.24 2.72 6.21
C PRO B 242 -5.94 2.28 7.64
N LEU B 243 -4.75 1.74 7.90
CA LEU B 243 -4.33 1.23 9.20
C LEU B 243 -5.05 -0.08 9.52
N SER B 244 -6.04 -0.44 8.69
CA SER B 244 -6.61 -1.77 8.72
C SER B 244 -5.81 -2.74 7.86
N GLN B 245 -4.84 -2.24 7.11
CA GLN B 245 -3.98 -3.05 6.26
C GLN B 245 -2.52 -2.95 6.66
N ALA B 246 -2.21 -2.25 7.76
CA ALA B 246 -0.82 -2.09 8.17
C ALA B 246 -0.33 -3.31 8.93
N LEU B 247 -0.55 -4.50 8.36
CA LEU B 247 -0.06 -5.75 8.90
C LEU B 247 0.80 -6.52 7.91
N VAL B 248 0.84 -6.11 6.64
CA VAL B 248 1.80 -6.67 5.70
C VAL B 248 3.22 -6.32 6.13
N PHE B 249 3.38 -5.20 6.85
CA PHE B 249 4.67 -4.82 7.39
C PHE B 249 5.07 -5.77 8.52
N PRO B 250 6.36 -5.85 8.83
CA PRO B 250 6.82 -6.78 9.88
C PRO B 250 6.39 -6.34 11.27
N HIS B 251 5.16 -6.67 11.64
CA HIS B 251 4.51 -6.18 12.84
C HIS B 251 4.62 -7.18 13.99
N GLN B 252 4.09 -6.78 15.15
CA GLN B 252 3.91 -7.64 16.31
C GLN B 252 2.84 -7.03 17.19
N TRP B 253 2.27 -7.85 18.07
CA TRP B 253 1.19 -7.43 18.95
C TRP B 253 1.65 -7.44 20.41
N ILE B 254 1.04 -6.57 21.21
CA ILE B 254 1.24 -6.53 22.64
C ILE B 254 -0.13 -6.50 23.31
N ASN B 255 -0.42 -7.52 24.12
CA ASN B 255 -1.66 -7.60 24.88
C ASN B 255 -1.32 -7.59 26.36
N LEU B 256 -2.02 -6.75 27.12
CA LEU B 256 -1.69 -6.54 28.53
C LEU B 256 -1.97 -7.75 29.40
N ARG B 257 -2.68 -8.75 28.89
CA ARG B 257 -2.92 -9.97 29.66
C ARG B 257 -2.05 -11.14 29.24
N THR B 258 -1.41 -11.07 28.08
CA THR B 258 -0.57 -12.16 27.58
C THR B 258 0.90 -11.95 27.93
N ASN B 259 1.51 -10.86 27.45
CA ASN B 259 2.93 -10.62 27.63
C ASN B 259 3.18 -9.11 27.61
N ASN B 260 4.46 -8.74 27.71
CA ASN B 260 4.84 -7.34 27.80
C ASN B 260 6.11 -7.02 27.01
N CYS B 261 6.41 -7.79 25.96
CA CYS B 261 7.65 -7.60 25.22
C CYS B 261 7.42 -7.83 23.73
N ALA B 262 8.33 -7.28 22.94
CA ALA B 262 8.30 -7.43 21.48
C ALA B 262 9.68 -7.11 20.94
N THR B 263 10.18 -7.94 20.01
CA THR B 263 11.49 -7.77 19.42
C THR B 263 11.37 -7.83 17.90
N ILE B 264 12.20 -7.05 17.22
CA ILE B 264 12.15 -6.95 15.76
C ILE B 264 13.58 -6.81 15.23
N ILE B 265 13.90 -7.56 14.18
CA ILE B 265 15.14 -7.44 13.45
C ILE B 265 14.85 -6.73 12.13
N MET B 266 15.78 -5.90 11.67
CA MET B 266 15.56 -5.14 10.44
C MET B 266 16.85 -5.03 9.63
N PRO B 267 16.90 -5.64 8.44
CA PRO B 267 18.08 -5.48 7.58
C PRO B 267 18.14 -4.10 6.93
N TYR B 268 19.15 -3.88 6.10
CA TYR B 268 19.37 -2.60 5.44
C TYR B 268 18.77 -2.66 4.05
N VAL B 269 17.53 -2.18 3.91
CA VAL B 269 16.86 -2.12 2.62
C VAL B 269 17.17 -0.78 1.96
N ASN B 270 17.53 -0.83 0.69
CA ASN B 270 17.89 0.38 -0.06
C ASN B 270 18.02 0.03 -1.53
N ALA B 271 17.75 1.03 -2.38
CA ALA B 271 17.91 0.85 -3.82
C ALA B 271 19.37 1.02 -4.23
N LEU B 272 19.98 2.15 -3.86
CA LEU B 272 21.39 2.40 -4.09
C LEU B 272 22.17 2.18 -2.81
N PRO B 273 23.22 1.35 -2.82
CA PRO B 273 23.99 1.11 -1.60
C PRO B 273 24.78 2.34 -1.18
N PHE B 274 25.05 2.42 0.13
CA PHE B 274 25.95 3.43 0.71
C PHE B 274 25.44 4.85 0.45
N ASP B 275 24.30 5.15 1.08
CA ASP B 275 23.70 6.47 0.98
C ASP B 275 24.03 7.31 2.22
N SER B 276 23.51 8.54 2.22
CA SER B 276 23.77 9.50 3.29
C SER B 276 23.06 9.10 4.58
N ALA B 277 23.46 9.75 5.67
CA ALA B 277 22.84 9.55 6.97
C ALA B 277 22.20 10.82 7.53
N LEU B 278 22.45 11.98 6.93
CA LEU B 278 21.84 13.23 7.36
C LEU B 278 20.88 13.81 6.32
N ASN B 279 20.62 13.07 5.24
CA ASN B 279 19.71 13.52 4.21
C ASN B 279 18.77 12.43 3.74
N HIS B 280 18.72 11.29 4.42
CA HIS B 280 17.89 10.16 4.02
C HIS B 280 17.22 9.57 5.25
N SER B 281 16.11 8.87 5.02
CA SER B 281 15.39 8.19 6.09
C SER B 281 14.98 6.81 5.56
N ASN B 282 15.63 5.76 6.06
CA ASN B 282 15.42 4.42 5.52
C ASN B 282 14.03 3.89 5.90
N PHE B 283 13.63 4.04 7.16
CA PHE B 283 12.38 3.47 7.63
C PHE B 283 11.94 4.20 8.90
N GLY B 284 10.82 3.75 9.45
CA GLY B 284 10.30 4.33 10.68
C GLY B 284 9.56 3.29 11.49
N LEU B 285 9.50 3.53 12.79
CA LEU B 285 8.85 2.65 13.75
C LEU B 285 7.63 3.34 14.35
N VAL B 286 6.53 2.61 14.49
CA VAL B 286 5.25 3.18 14.85
C VAL B 286 4.59 2.32 15.92
N VAL B 287 4.08 2.98 16.98
CA VAL B 287 3.36 2.32 18.06
C VAL B 287 2.00 2.96 18.19
N ILE B 288 0.94 2.15 18.16
CA ILE B 288 -0.43 2.67 18.17
C ILE B 288 -1.31 1.82 19.10
N PRO B 289 -2.07 2.44 20.00
CA PRO B 289 -3.04 1.68 20.82
C PRO B 289 -4.34 1.48 20.07
N ILE B 290 -4.66 0.22 19.75
CA ILE B 290 -5.93 -0.08 19.11
C ILE B 290 -7.06 -0.05 20.14
N SER B 291 -6.99 -0.91 21.15
CA SER B 291 -7.93 -0.84 22.25
C SER B 291 -7.50 0.25 23.24
N PRO B 292 -8.45 0.97 23.83
CA PRO B 292 -8.09 2.05 24.76
C PRO B 292 -7.76 1.52 26.15
N LEU B 293 -6.82 2.20 26.78
CA LEU B 293 -6.47 1.90 28.17
C LEU B 293 -7.64 2.24 29.09
N LYS B 294 -7.88 1.37 30.06
CA LYS B 294 -8.87 1.65 31.09
C LYS B 294 -8.55 0.83 32.33
N TYR B 295 -9.01 1.32 33.48
CA TYR B 295 -8.68 0.74 34.77
C TYR B 295 -9.81 1.07 35.74
N CYS B 296 -9.55 0.83 37.03
CA CYS B 296 -10.48 1.17 38.10
C CYS B 296 -9.82 2.17 39.04
N ASN B 297 -10.60 2.64 40.02
CA ASN B 297 -10.10 3.63 40.96
C ASN B 297 -8.96 3.06 41.80
N GLY B 298 -8.01 3.94 42.16
CA GLY B 298 -6.89 3.52 43.04
C GLY B 298 -5.66 3.13 42.26
N ALA B 299 -5.80 2.77 40.99
CA ALA B 299 -4.65 2.26 40.22
C ALA B 299 -3.88 3.43 39.61
N THR B 300 -2.61 3.19 39.24
CA THR B 300 -1.81 4.26 38.61
C THR B 300 -2.47 4.62 37.28
N THR B 301 -2.53 5.90 36.94
CA THR B 301 -3.24 6.35 35.73
C THR B 301 -2.31 6.50 34.51
N GLU B 302 -1.16 5.84 34.51
CA GLU B 302 -0.24 5.92 33.34
C GLU B 302 0.77 4.77 33.33
N VAL B 303 0.58 3.78 32.46
CA VAL B 303 1.60 2.68 32.32
C VAL B 303 2.75 3.23 31.49
N PRO B 304 4.04 3.06 31.88
CA PRO B 304 5.15 3.52 31.03
C PRO B 304 5.54 2.52 29.96
N ILE B 305 6.15 3.05 28.90
CA ILE B 305 6.66 2.26 27.78
C ILE B 305 8.10 2.68 27.51
N THR B 306 8.97 1.70 27.24
CA THR B 306 10.39 1.94 27.06
C THR B 306 10.86 1.31 25.76
N LEU B 307 11.80 1.99 25.08
CA LEU B 307 12.34 1.55 23.81
C LEU B 307 13.86 1.51 23.88
N THR B 308 14.46 0.49 23.27
CA THR B 308 15.91 0.34 23.22
C THR B 308 16.34 -0.03 21.81
N ILE B 309 17.57 0.34 21.46
CA ILE B 309 18.15 0.10 20.15
C ILE B 309 19.55 -0.48 20.33
N ALA B 310 19.99 -1.22 19.30
CA ALA B 310 21.31 -1.85 19.32
C ALA B 310 21.81 -1.99 17.89
N PRO B 311 22.66 -1.08 17.42
CA PRO B 311 23.17 -1.18 16.06
C PRO B 311 23.93 -2.48 15.84
N LEU B 312 23.67 -3.13 14.71
CA LEU B 312 24.30 -4.39 14.36
C LEU B 312 24.82 -4.32 12.94
N ASN B 313 26.09 -4.70 12.76
CA ASN B 313 26.75 -4.72 11.46
C ASN B 313 26.71 -3.33 10.80
N SER B 314 27.34 -2.38 11.49
CA SER B 314 27.38 -1.00 11.03
C SER B 314 28.66 -0.72 10.25
N GLU B 315 28.56 0.20 9.29
CA GLU B 315 29.69 0.56 8.45
C GLU B 315 29.65 2.06 8.19
N PHE B 316 30.80 2.61 7.82
CA PHE B 316 30.92 4.04 7.53
C PHE B 316 31.92 4.28 6.40
N GLY C 1 9.47 -17.04 -49.10
CA GLY C 1 10.40 -16.45 -50.05
C GLY C 1 9.83 -15.25 -50.80
N PHE C 2 10.30 -15.04 -52.01
CA PHE C 2 9.80 -13.93 -52.82
C PHE C 2 8.31 -14.02 -53.13
N PRO C 3 7.76 -15.17 -53.58
CA PRO C 3 6.31 -15.19 -53.89
C PRO C 3 5.42 -15.22 -52.65
N THR C 4 5.16 -14.04 -52.10
CA THR C 4 4.30 -13.90 -50.92
C THR C 4 3.09 -13.05 -51.25
N GLU C 5 1.98 -13.37 -50.60
CA GLU C 5 0.73 -12.62 -50.72
C GLU C 5 0.22 -12.29 -49.32
N LEU C 6 -0.23 -11.05 -49.14
CA LEU C 6 -0.69 -10.58 -47.84
C LEU C 6 -2.12 -11.04 -47.59
N LYS C 7 -2.47 -11.13 -46.31
CA LYS C 7 -3.70 -11.75 -45.83
C LYS C 7 -4.45 -10.79 -44.94
N PRO C 8 -5.74 -11.03 -44.70
CA PRO C 8 -6.52 -10.14 -43.83
C PRO C 8 -5.93 -10.06 -42.43
N GLY C 9 -6.08 -8.88 -41.82
CA GLY C 9 -5.43 -8.56 -40.57
C GLY C 9 -4.21 -7.67 -40.71
N THR C 10 -3.86 -7.28 -41.93
CA THR C 10 -2.69 -6.45 -42.17
C THR C 10 -2.95 -5.01 -41.74
N ASN C 11 -1.90 -4.37 -41.23
CA ASN C 11 -1.88 -2.94 -40.90
C ASN C 11 -2.82 -2.57 -39.76
N GLN C 12 -3.15 -3.52 -38.89
CA GLN C 12 -3.99 -3.25 -37.74
C GLN C 12 -3.13 -3.22 -36.47
N PHE C 13 -3.56 -2.39 -35.52
CA PHE C 13 -2.87 -2.24 -34.24
C PHE C 13 -3.77 -2.77 -33.13
N LEU C 14 -3.33 -3.83 -32.47
CA LEU C 14 -4.08 -4.48 -31.40
C LEU C 14 -3.41 -4.16 -30.07
N THR C 15 -4.18 -3.61 -29.13
CA THR C 15 -3.61 -3.21 -27.85
C THR C 15 -3.13 -4.40 -27.05
N THR C 16 -3.90 -5.49 -27.04
CA THR C 16 -3.55 -6.68 -26.28
C THR C 16 -2.67 -7.63 -27.11
N ASP C 17 -1.55 -7.08 -27.57
CA ASP C 17 -0.62 -7.83 -28.41
C ASP C 17 0.81 -7.55 -27.97
N ASP C 18 1.68 -8.52 -28.21
CA ASP C 18 3.10 -8.41 -27.93
C ASP C 18 3.90 -8.81 -29.16
N GLY C 19 4.95 -8.07 -29.45
CA GLY C 19 5.79 -8.33 -30.62
C GLY C 19 7.19 -7.83 -30.40
N THR C 20 7.80 -7.32 -31.47
CA THR C 20 9.18 -6.82 -31.43
C THR C 20 9.22 -5.38 -31.92
N SER C 21 10.02 -4.56 -31.24
CA SER C 21 10.27 -3.19 -31.66
C SER C 21 11.75 -2.89 -31.58
N PRO C 22 12.29 -2.11 -32.52
CA PRO C 22 13.71 -1.83 -32.51
C PRO C 22 14.08 -0.95 -31.33
N PRO C 23 15.28 -1.12 -30.76
CA PRO C 23 15.73 -0.20 -29.72
C PRO C 23 15.98 1.20 -30.28
N ILE C 24 15.80 2.20 -29.42
CA ILE C 24 16.02 3.58 -29.81
C ILE C 24 17.41 4.09 -29.41
N LEU C 25 18.09 3.41 -28.49
CA LEU C 25 19.43 3.80 -28.03
C LEU C 25 20.33 2.58 -28.05
N PRO C 26 20.79 2.17 -29.23
CA PRO C 26 21.67 0.99 -29.29
C PRO C 26 23.04 1.28 -28.72
N GLY C 27 23.60 0.30 -28.01
CA GLY C 27 24.88 0.44 -27.36
C GLY C 27 24.83 0.90 -25.93
N PHE C 28 23.70 1.46 -25.49
CA PHE C 28 23.55 1.89 -24.11
C PHE C 28 23.47 0.67 -23.18
N GLU C 29 24.00 0.84 -21.97
CA GLU C 29 23.94 -0.22 -20.97
C GLU C 29 23.32 0.33 -19.69
N PRO C 30 22.44 -0.44 -19.06
CA PRO C 30 21.77 0.03 -17.83
C PRO C 30 22.60 -0.27 -16.59
N THR C 31 22.13 0.26 -15.46
CA THR C 31 22.79 0.04 -14.18
C THR C 31 22.68 -1.43 -13.78
N PRO C 32 23.77 -2.03 -13.29
CA PRO C 32 23.69 -3.42 -12.83
C PRO C 32 22.74 -3.58 -11.65
N LEU C 33 22.12 -4.76 -11.57
CA LEU C 33 21.14 -5.05 -10.54
C LEU C 33 21.81 -5.62 -9.29
N ILE C 34 21.22 -5.31 -8.14
CA ILE C 34 21.67 -5.83 -6.85
C ILE C 34 20.49 -6.46 -6.14
N HIS C 35 20.74 -6.93 -4.92
CA HIS C 35 19.78 -7.77 -4.18
C HIS C 35 19.06 -6.93 -3.13
N ILE C 36 17.87 -6.44 -3.48
CA ILE C 36 16.98 -5.83 -2.50
C ILE C 36 16.22 -6.94 -1.78
N PRO C 37 16.17 -6.93 -0.43
CA PRO C 37 15.72 -8.11 0.31
C PRO C 37 14.31 -8.61 -0.02
N GLY C 38 13.30 -7.77 0.18
CA GLY C 38 11.93 -8.21 -0.05
C GLY C 38 11.61 -8.30 -1.53
N GLU C 39 10.77 -9.26 -1.88
CA GLU C 39 10.39 -9.45 -3.28
C GLU C 39 9.10 -10.26 -3.34
N PHE C 40 8.05 -9.68 -3.94
CA PHE C 40 6.81 -10.40 -4.17
C PHE C 40 6.62 -10.59 -5.66
N THR C 41 6.44 -11.84 -6.09
CA THR C 41 6.27 -12.20 -7.49
C THR C 41 4.85 -12.59 -7.85
N SER C 42 4.18 -13.35 -6.98
CA SER C 42 2.79 -13.75 -7.21
C SER C 42 1.87 -12.79 -6.48
N LEU C 43 0.83 -12.33 -7.18
CA LEU C 43 -0.14 -11.43 -6.58
C LEU C 43 -1.07 -12.18 -5.64
N LEU C 44 -1.29 -13.47 -5.88
CA LEU C 44 -2.25 -14.24 -5.09
C LEU C 44 -1.81 -14.47 -3.66
N ASP C 45 -0.50 -14.43 -3.37
CA ASP C 45 -0.03 -14.72 -2.02
C ASP C 45 -0.11 -13.52 -1.10
N LEU C 46 -0.63 -12.37 -1.58
CA LEU C 46 -0.90 -11.25 -0.70
C LEU C 46 -2.20 -11.40 0.06
N CYS C 47 -3.07 -12.33 -0.36
CA CYS C 47 -4.33 -12.58 0.32
C CYS C 47 -4.18 -13.48 1.52
N GLN C 48 -3.01 -14.10 1.71
CA GLN C 48 -2.76 -14.97 2.86
C GLN C 48 -2.39 -14.20 4.12
N ILE C 49 -2.14 -12.91 4.00
CA ILE C 49 -1.81 -12.08 5.16
C ILE C 49 -3.10 -11.67 5.86
N GLU C 50 -3.11 -11.82 7.19
CA GLU C 50 -4.32 -11.59 7.98
C GLU C 50 -4.41 -10.12 8.38
N THR C 51 -5.43 -9.44 7.87
CA THR C 51 -5.73 -8.06 8.23
C THR C 51 -6.97 -8.01 9.12
N ILE C 52 -7.28 -6.82 9.62
CA ILE C 52 -8.39 -6.66 10.57
C ILE C 52 -9.65 -6.29 9.82
N LEU C 53 -10.79 -6.75 10.34
CA LEU C 53 -12.09 -6.58 9.73
C LEU C 53 -12.92 -5.56 10.50
N GLU C 54 -13.75 -4.82 9.76
CA GLU C 54 -14.51 -3.69 10.31
C GLU C 54 -15.98 -4.11 10.43
N VAL C 55 -16.36 -4.62 11.61
CA VAL C 55 -17.72 -5.09 11.85
C VAL C 55 -18.60 -4.05 12.52
N ASN C 56 -18.03 -2.95 13.02
CA ASN C 56 -18.77 -1.92 13.73
C ASN C 56 -19.20 -0.78 12.82
N ASN C 57 -19.45 -1.06 11.54
CA ASN C 57 -19.80 -0.02 10.57
C ASN C 57 -21.23 0.47 10.79
N THR C 58 -21.44 1.17 11.90
CA THR C 58 -22.75 1.71 12.27
C THR C 58 -22.64 3.22 12.39
N THR C 59 -23.63 3.93 11.87
CA THR C 59 -23.65 5.38 11.96
C THR C 59 -23.63 5.81 13.42
N SER C 60 -23.01 6.98 13.67
CA SER C 60 -22.69 7.57 14.98
C SER C 60 -21.42 7.00 15.60
N THR C 61 -20.68 6.15 14.87
CA THR C 61 -19.38 5.66 15.33
C THR C 61 -18.35 6.02 14.27
N THR C 62 -17.30 6.75 14.68
CA THR C 62 -16.26 7.21 13.77
C THR C 62 -14.90 6.93 14.39
N GLY C 63 -13.85 7.35 13.69
CA GLY C 63 -12.49 7.17 14.17
C GLY C 63 -12.07 5.70 14.14
N VAL C 64 -11.21 5.34 15.11
CA VAL C 64 -10.71 3.99 15.22
C VAL C 64 -11.65 3.09 16.01
N SER C 65 -12.76 3.62 16.53
CA SER C 65 -13.69 2.84 17.32
C SER C 65 -14.56 1.90 16.48
N ARG C 66 -14.51 2.00 15.16
CA ARG C 66 -15.30 1.15 14.28
C ARG C 66 -14.65 -0.21 14.03
N LEU C 67 -13.66 -0.59 14.83
CA LEU C 67 -12.91 -1.83 14.62
C LEU C 67 -13.03 -2.82 15.76
N LEU C 68 -13.70 -2.48 16.85
CA LEU C 68 -13.79 -3.31 18.03
C LEU C 68 -15.24 -3.69 18.31
N ILE C 69 -15.42 -4.83 18.96
CA ILE C 69 -16.74 -5.35 19.33
C ILE C 69 -16.90 -5.19 20.84
N PRO C 70 -17.87 -4.40 21.31
CA PRO C 70 -18.02 -4.21 22.76
C PRO C 70 -18.81 -5.35 23.38
N VAL C 71 -18.29 -5.89 24.48
CA VAL C 71 -18.94 -6.94 25.26
C VAL C 71 -19.11 -6.43 26.68
N ARG C 72 -20.31 -6.61 27.23
CA ARG C 72 -20.67 -6.09 28.54
C ARG C 72 -20.92 -7.23 29.51
N ALA C 73 -21.30 -6.86 30.74
CA ALA C 73 -21.52 -7.83 31.81
C ALA C 73 -22.98 -7.93 32.24
N GLN C 74 -23.71 -6.81 32.24
CA GLN C 74 -25.11 -6.81 32.65
C GLN C 74 -26.01 -7.54 31.65
N ASN C 75 -25.51 -7.86 30.47
CA ASN C 75 -26.33 -8.50 29.45
C ASN C 75 -26.75 -9.91 29.89
N ASN C 76 -27.84 -10.38 29.31
CA ASN C 76 -28.43 -11.66 29.69
C ASN C 76 -27.59 -12.81 29.12
N VAL C 77 -28.08 -14.03 29.28
CA VAL C 77 -27.32 -15.21 28.89
C VAL C 77 -27.60 -15.66 27.46
N ASP C 78 -28.83 -15.44 26.95
CA ASP C 78 -29.25 -15.95 25.65
C ASP C 78 -29.75 -14.80 24.79
N GLN C 79 -28.85 -14.18 24.03
CA GLN C 79 -29.22 -13.17 23.06
C GLN C 79 -28.06 -12.94 22.10
N LEU C 80 -28.38 -12.35 20.95
CA LEU C 80 -27.38 -12.08 19.94
C LEU C 80 -26.50 -10.89 20.33
N CYS C 81 -25.26 -10.92 19.87
CA CYS C 81 -24.32 -9.83 20.10
C CYS C 81 -23.89 -9.15 18.82
N ALA C 82 -23.47 -9.92 17.81
CA ALA C 82 -23.04 -9.34 16.54
C ALA C 82 -23.19 -10.40 15.44
N SER C 83 -23.22 -9.93 14.21
CA SER C 83 -23.32 -10.81 13.05
C SER C 83 -22.91 -10.04 11.80
N PHE C 84 -22.37 -10.77 10.83
CA PHE C 84 -21.95 -10.18 9.57
C PHE C 84 -21.91 -11.25 8.50
N GLN C 85 -21.90 -10.81 7.24
CA GLN C 85 -21.88 -11.71 6.10
C GLN C 85 -20.45 -12.05 5.69
N VAL C 86 -20.32 -12.92 4.69
CA VAL C 86 -19.02 -13.42 4.29
C VAL C 86 -18.47 -12.77 3.02
N ASP C 87 -19.32 -12.14 2.21
CA ASP C 87 -18.95 -11.65 0.88
C ASP C 87 -17.75 -10.71 0.90
N PRO C 88 -16.60 -11.15 0.39
CA PRO C 88 -15.43 -10.25 0.33
C PRO C 88 -15.60 -9.14 -0.69
N GLY C 89 -15.99 -9.51 -1.91
CA GLY C 89 -16.06 -8.54 -2.99
C GLY C 89 -17.17 -7.52 -2.83
N ARG C 90 -18.24 -7.89 -2.13
CA ARG C 90 -19.35 -6.98 -1.91
C ARG C 90 -18.99 -5.94 -0.86
N ASN C 91 -19.81 -4.90 -0.78
CA ASN C 91 -19.58 -3.83 0.18
C ASN C 91 -19.98 -4.27 1.59
N GLY C 92 -19.33 -3.66 2.58
CA GLY C 92 -19.62 -3.95 3.97
C GLY C 92 -18.37 -4.12 4.81
N PRO C 93 -18.41 -5.11 5.72
CA PRO C 93 -17.28 -5.29 6.64
C PRO C 93 -15.98 -5.70 5.94
N TRP C 94 -16.05 -6.39 4.81
CA TRP C 94 -14.86 -6.91 4.14
C TRP C 94 -14.18 -5.87 3.25
N GLN C 95 -14.49 -4.59 3.41
CA GLN C 95 -13.91 -3.53 2.59
C GLN C 95 -12.62 -2.97 3.17
N SER C 96 -12.21 -3.41 4.36
CA SER C 96 -11.02 -2.89 5.03
C SER C 96 -9.98 -3.99 5.19
N THR C 97 -9.83 -4.84 4.19
CA THR C 97 -8.86 -5.93 4.24
C THR C 97 -8.31 -6.15 2.83
N MET C 98 -7.10 -6.74 2.73
CA MET C 98 -6.42 -6.89 1.41
C MET C 98 -7.05 -7.97 0.54
N VAL C 99 -7.93 -8.79 1.09
CA VAL C 99 -8.64 -9.80 0.26
C VAL C 99 -9.78 -9.09 -0.47
N GLY C 100 -10.48 -8.19 0.20
CA GLY C 100 -11.65 -7.55 -0.42
C GLY C 100 -11.34 -6.31 -1.21
N GLN C 101 -10.07 -6.02 -1.46
CA GLN C 101 -9.70 -4.85 -2.29
C GLN C 101 -8.98 -5.39 -3.51
N ILE C 102 -8.48 -6.62 -3.42
CA ILE C 102 -7.77 -7.28 -4.55
C ILE C 102 -8.78 -8.16 -5.31
N CYS C 103 -9.96 -8.37 -4.72
CA CYS C 103 -11.04 -9.14 -5.40
C CYS C 103 -11.97 -8.18 -6.14
N ARG C 104 -11.60 -6.91 -6.23
CA ARG C 104 -12.41 -5.92 -6.98
C ARG C 104 -11.72 -5.67 -8.33
N TYR C 105 -10.54 -6.27 -8.52
CA TYR C 105 -9.81 -6.14 -9.80
C TYR C 105 -10.06 -7.41 -10.62
N TYR C 106 -10.92 -8.30 -10.13
CA TYR C 106 -11.22 -9.58 -10.81
C TYR C 106 -12.73 -9.80 -10.74
N THR C 107 -13.27 -10.83 -11.39
CA THR C 107 -14.71 -11.06 -11.45
C THR C 107 -15.15 -12.35 -10.78
N GLN C 108 -14.38 -13.43 -10.93
CA GLN C 108 -14.76 -14.74 -10.40
C GLN C 108 -13.72 -15.21 -9.39
N TRP C 109 -14.19 -15.83 -8.31
CA TRP C 109 -13.31 -16.37 -7.29
C TRP C 109 -13.98 -17.56 -6.62
N SER C 110 -13.16 -18.41 -6.00
CA SER C 110 -13.66 -19.61 -5.33
C SER C 110 -12.60 -20.11 -4.37
N GLY C 111 -13.03 -20.64 -3.24
CA GLY C 111 -12.13 -21.23 -2.28
C GLY C 111 -12.65 -21.07 -0.86
N SER C 112 -11.76 -21.35 0.09
CA SER C 112 -12.07 -21.27 1.52
C SER C 112 -11.44 -20.03 2.14
N LEU C 113 -11.93 -19.67 3.32
CA LEU C 113 -11.51 -18.46 4.01
C LEU C 113 -11.02 -18.77 5.42
N LYS C 114 -10.76 -17.73 6.22
CA LYS C 114 -10.24 -17.92 7.57
C LYS C 114 -10.54 -16.67 8.40
N VAL C 115 -11.05 -16.88 9.61
CA VAL C 115 -11.36 -15.81 10.55
C VAL C 115 -10.77 -16.16 11.91
N THR C 116 -10.09 -15.19 12.54
CA THR C 116 -9.43 -15.40 13.82
C THR C 116 -9.88 -14.33 14.81
N PHE C 117 -10.34 -14.75 15.99
CA PHE C 117 -10.82 -13.83 17.00
C PHE C 117 -9.79 -13.66 18.11
N MET C 118 -9.82 -12.49 18.75
CA MET C 118 -8.89 -12.16 19.82
C MET C 118 -9.60 -11.35 20.89
N PHE C 119 -9.35 -11.69 22.15
CA PHE C 119 -10.01 -11.05 23.29
C PHE C 119 -9.00 -10.21 24.05
N THR C 120 -9.39 -8.98 24.37
CA THR C 120 -8.54 -8.03 25.09
C THR C 120 -9.31 -7.55 26.33
N GLY C 121 -9.15 -8.27 27.44
CA GLY C 121 -9.74 -7.88 28.70
C GLY C 121 -8.77 -8.00 29.85
N SER C 122 -9.26 -7.92 31.08
CA SER C 122 -8.40 -8.06 32.23
C SER C 122 -7.98 -9.52 32.40
N PHE C 123 -6.91 -9.73 33.18
CA PHE C 123 -6.38 -11.07 33.38
C PHE C 123 -7.35 -11.96 34.15
N MET C 124 -8.10 -11.38 35.09
CA MET C 124 -8.98 -12.15 35.98
C MET C 124 -10.42 -12.15 35.50
N ALA C 125 -10.65 -12.11 34.19
CA ALA C 125 -11.99 -12.14 33.62
C ALA C 125 -12.25 -13.50 32.98
N THR C 126 -13.44 -14.05 33.22
CA THR C 126 -13.80 -15.38 32.75
C THR C 126 -15.20 -15.35 32.12
N GLY C 127 -15.43 -16.28 31.20
CA GLY C 127 -16.72 -16.39 30.57
C GLY C 127 -16.64 -17.31 29.36
N LYS C 128 -17.79 -17.52 28.75
CA LYS C 128 -17.92 -18.40 27.59
C LYS C 128 -18.62 -17.66 26.46
N MET C 129 -18.48 -18.20 25.25
CA MET C 129 -19.08 -17.60 24.07
C MET C 129 -19.36 -18.70 23.04
N LEU C 130 -20.21 -18.37 22.06
CA LEU C 130 -20.61 -19.32 21.03
C LEU C 130 -20.53 -18.64 19.67
N ILE C 131 -19.88 -19.30 18.72
CA ILE C 131 -19.73 -18.81 17.36
C ILE C 131 -20.27 -19.87 16.40
N ALA C 132 -21.10 -19.45 15.45
CA ALA C 132 -21.76 -20.36 14.53
C ALA C 132 -21.68 -19.83 13.11
N TYR C 133 -21.82 -20.74 12.15
CA TYR C 133 -21.79 -20.41 10.73
C TYR C 133 -22.94 -21.13 10.03
N THR C 134 -23.83 -20.35 9.40
CA THR C 134 -24.96 -20.90 8.65
C THR C 134 -24.60 -21.01 7.18
N PRO C 135 -24.76 -22.19 6.57
CA PRO C 135 -24.32 -22.39 5.18
C PRO C 135 -25.09 -21.50 4.22
N PRO C 136 -24.58 -21.31 2.99
CA PRO C 136 -25.27 -20.45 2.03
C PRO C 136 -26.66 -20.97 1.70
N GLY C 137 -27.60 -20.03 1.53
CA GLY C 137 -28.96 -20.36 1.17
C GLY C 137 -29.79 -20.91 2.31
N SER C 138 -29.90 -20.14 3.39
CA SER C 138 -30.69 -20.54 4.55
C SER C 138 -31.18 -19.29 5.26
N ALA C 139 -31.70 -19.46 6.47
CA ALA C 139 -32.22 -18.37 7.28
C ALA C 139 -31.35 -18.16 8.51
N GLN C 140 -31.23 -16.91 8.92
CA GLN C 140 -30.44 -16.59 10.11
C GLN C 140 -31.12 -17.16 11.35
N PRO C 141 -30.38 -17.87 12.21
CA PRO C 141 -31.01 -18.43 13.41
C PRO C 141 -31.58 -17.35 14.31
N ALA C 142 -32.70 -17.67 14.96
CA ALA C 142 -33.38 -16.74 15.86
C ALA C 142 -33.02 -16.96 17.32
N THR C 143 -32.68 -18.18 17.70
CA THR C 143 -32.26 -18.49 19.07
C THR C 143 -30.96 -19.28 19.04
N ARG C 144 -30.24 -19.25 20.16
CA ARG C 144 -29.01 -20.03 20.26
C ARG C 144 -29.28 -21.53 20.30
N GLU C 145 -30.50 -21.95 20.66
CA GLU C 145 -30.85 -23.37 20.64
C GLU C 145 -30.91 -23.92 19.22
N ALA C 146 -31.09 -23.06 18.22
CA ALA C 146 -31.08 -23.49 16.83
C ALA C 146 -29.68 -23.42 16.22
N ALA C 147 -28.90 -22.41 16.57
CA ALA C 147 -27.53 -22.32 16.10
C ALA C 147 -26.65 -23.42 16.69
N MET C 148 -27.05 -24.00 17.82
CA MET C 148 -26.30 -25.10 18.41
C MET C 148 -26.32 -26.35 17.54
N LEU C 149 -27.30 -26.48 16.65
CA LEU C 149 -27.46 -27.71 15.88
C LEU C 149 -26.45 -27.82 14.74
N GLY C 150 -26.14 -26.71 14.07
CA GLY C 150 -25.28 -26.76 12.91
C GLY C 150 -23.80 -26.84 13.23
N THR C 151 -23.00 -26.06 12.50
CA THR C 151 -21.56 -26.01 12.75
C THR C 151 -21.26 -24.86 13.70
N HIS C 152 -20.47 -25.15 14.74
CA HIS C 152 -20.21 -24.17 15.78
C HIS C 152 -18.93 -24.55 16.52
N ILE C 153 -18.52 -23.68 17.43
CA ILE C 153 -17.39 -23.93 18.32
C ILE C 153 -17.57 -23.08 19.56
N VAL C 154 -17.43 -23.70 20.73
CA VAL C 154 -17.51 -22.98 21.99
C VAL C 154 -16.17 -22.33 22.29
N TRP C 155 -16.18 -21.25 23.06
CA TRP C 155 -14.97 -20.51 23.37
C TRP C 155 -15.06 -19.97 24.79
N ASP C 156 -14.09 -20.33 25.62
CA ASP C 156 -13.96 -19.80 26.97
C ASP C 156 -12.73 -18.89 26.98
N PHE C 157 -12.97 -17.58 26.96
CA PHE C 157 -11.86 -16.64 26.91
C PHE C 157 -11.11 -16.52 28.23
N GLY C 158 -11.63 -17.13 29.31
CA GLY C 158 -10.88 -17.18 30.55
C GLY C 158 -9.74 -18.17 30.54
N LEU C 159 -9.77 -19.14 29.62
CA LEU C 159 -8.71 -20.13 29.48
C LEU C 159 -7.93 -19.99 28.18
N GLN C 160 -8.49 -19.33 27.16
CA GLN C 160 -7.83 -19.12 25.89
C GLN C 160 -7.97 -17.66 25.49
N SER C 161 -7.00 -17.18 24.71
CA SER C 161 -6.98 -15.78 24.30
C SER C 161 -7.32 -15.56 22.84
N SER C 162 -7.28 -16.61 22.02
CA SER C 162 -7.60 -16.47 20.60
C SER C 162 -8.12 -17.80 20.06
N VAL C 163 -9.15 -17.73 19.21
CA VAL C 163 -9.75 -18.90 18.60
C VAL C 163 -9.92 -18.63 17.11
N THR C 164 -10.02 -19.71 16.34
CA THR C 164 -10.07 -19.64 14.89
C THR C 164 -11.10 -20.63 14.35
N LEU C 165 -11.74 -20.26 13.24
CA LEU C 165 -12.62 -21.15 12.50
C LEU C 165 -12.32 -21.04 11.02
N VAL C 166 -12.69 -22.08 10.28
CA VAL C 166 -12.45 -22.17 8.84
C VAL C 166 -13.78 -22.41 8.13
N ILE C 167 -14.07 -21.60 7.13
CA ILE C 167 -15.25 -21.81 6.28
C ILE C 167 -14.92 -22.93 5.31
N PRO C 168 -15.85 -23.86 5.03
CA PRO C 168 -15.51 -25.00 4.17
C PRO C 168 -15.15 -24.62 2.74
N TRP C 169 -16.09 -23.98 2.04
CA TRP C 169 -15.87 -23.62 0.64
C TRP C 169 -16.96 -22.68 0.15
N ILE C 170 -16.57 -21.57 -0.47
CA ILE C 170 -17.51 -20.60 -1.02
C ILE C 170 -17.11 -20.27 -2.45
N SER C 171 -18.09 -19.85 -3.25
CA SER C 171 -17.84 -19.50 -4.65
C SER C 171 -18.93 -18.56 -5.10
N ASN C 172 -18.58 -17.31 -5.37
CA ASN C 172 -19.50 -16.29 -5.84
C ASN C 172 -19.01 -15.74 -7.17
N THR C 173 -19.81 -14.86 -7.76
CA THR C 173 -19.49 -14.27 -9.05
C THR C 173 -19.83 -12.79 -9.03
N HIS C 174 -19.26 -12.07 -10.00
CA HIS C 174 -19.48 -10.62 -10.15
C HIS C 174 -19.07 -9.87 -8.90
N ALA C 188 -27.48 -14.07 0.18
CA ALA C 188 -27.49 -15.35 -0.51
C ALA C 188 -26.18 -16.10 -0.30
N THR C 189 -25.23 -15.48 0.39
CA THR C 189 -23.88 -16.04 0.57
C THR C 189 -23.50 -16.00 2.05
N GLY C 190 -23.93 -17.02 2.79
CA GLY C 190 -23.44 -17.27 4.14
C GLY C 190 -23.76 -16.21 5.19
N ILE C 191 -23.54 -16.57 6.46
CA ILE C 191 -23.65 -15.64 7.57
C ILE C 191 -23.00 -16.26 8.80
N VAL C 192 -22.47 -15.43 9.69
CA VAL C 192 -21.89 -15.88 10.95
C VAL C 192 -22.46 -15.01 12.07
N THR C 193 -22.72 -15.63 13.22
CA THR C 193 -23.32 -14.93 14.35
C THR C 193 -22.51 -15.19 15.61
N ILE C 194 -22.63 -14.27 16.56
CA ILE C 194 -22.00 -14.37 17.87
C ILE C 194 -23.08 -14.36 18.93
N TRP C 195 -23.06 -15.37 19.80
CA TRP C 195 -24.08 -15.53 20.83
C TRP C 195 -23.43 -15.54 22.20
N TYR C 196 -24.23 -15.19 23.21
CA TYR C 196 -23.76 -15.27 24.61
C TYR C 196 -24.10 -16.65 25.16
N GLN C 197 -23.22 -17.23 25.95
CA GLN C 197 -23.49 -18.52 26.63
C GLN C 197 -22.75 -18.30 27.94
N THR C 198 -23.45 -18.07 29.04
CA THR C 198 -22.83 -17.69 30.34
C THR C 198 -22.64 -16.18 30.31
N ASN C 199 -22.71 -15.52 31.46
CA ASN C 199 -22.49 -14.06 31.51
C ASN C 199 -21.00 -13.76 31.63
N PHE C 200 -20.64 -12.53 32.01
CA PHE C 200 -19.22 -12.12 32.13
C PHE C 200 -18.93 -11.93 33.63
N VAL C 201 -18.02 -12.75 34.20
CA VAL C 201 -17.74 -12.70 35.66
C VAL C 201 -16.55 -11.76 35.91
N VAL C 202 -16.57 -11.01 37.02
CA VAL C 202 -15.50 -10.05 37.31
C VAL C 202 -15.28 -9.96 38.82
N PRO C 203 -14.03 -9.94 39.27
CA PRO C 203 -13.76 -9.71 40.70
C PRO C 203 -13.91 -8.23 41.04
N PRO C 204 -13.91 -7.88 42.33
CA PRO C 204 -14.05 -6.46 42.70
C PRO C 204 -12.86 -5.63 42.22
N ASP C 205 -13.13 -4.33 42.02
CA ASP C 205 -12.11 -3.36 41.62
C ASP C 205 -11.49 -3.69 40.27
N THR C 206 -12.32 -4.13 39.33
CA THR C 206 -11.88 -4.48 37.99
C THR C 206 -12.91 -3.96 36.99
N PRO C 207 -12.47 -3.44 35.84
CA PRO C 207 -13.41 -2.95 34.84
C PRO C 207 -14.38 -4.04 34.36
N THR C 208 -15.51 -3.59 33.83
CA THR C 208 -16.57 -4.47 33.36
C THR C 208 -16.81 -4.29 31.86
N GLU C 209 -15.73 -4.07 31.11
CA GLU C 209 -15.82 -3.87 29.67
C GLU C 209 -14.65 -4.57 28.99
N ALA C 210 -14.81 -4.89 27.71
CA ALA C 210 -13.78 -5.54 26.92
C ALA C 210 -14.09 -5.32 25.44
N ASN C 211 -13.19 -5.82 24.59
CA ASN C 211 -13.31 -5.63 23.15
C ASN C 211 -12.77 -6.86 22.43
N ILE C 212 -13.17 -7.00 21.16
CA ILE C 212 -12.79 -8.13 20.32
C ILE C 212 -12.29 -7.59 18.98
N ILE C 213 -11.45 -8.40 18.33
CA ILE C 213 -10.94 -8.11 16.98
C ILE C 213 -11.28 -9.28 16.07
N ALA C 214 -11.41 -8.99 14.78
CA ALA C 214 -12.01 -9.92 13.82
C ALA C 214 -11.00 -10.67 12.96
N LEU C 215 -9.97 -9.99 12.43
CA LEU C 215 -8.80 -10.61 11.82
C LEU C 215 -9.18 -11.65 10.74
N GLY C 216 -9.76 -11.14 9.65
CA GLY C 216 -10.08 -12.01 8.53
C GLY C 216 -8.90 -12.26 7.60
N ALA C 217 -8.98 -13.36 6.86
CA ALA C 217 -7.93 -13.75 5.92
C ALA C 217 -8.47 -14.82 4.97
N ALA C 218 -7.64 -15.19 4.00
CA ALA C 218 -7.96 -16.19 2.99
C ALA C 218 -7.23 -17.51 3.29
N GLN C 219 -7.32 -18.45 2.35
CA GLN C 219 -6.69 -19.76 2.52
C GLN C 219 -5.78 -20.10 1.35
N LYS C 220 -5.26 -21.33 1.31
CA LYS C 220 -4.35 -21.75 0.25
C LYS C 220 -5.05 -22.13 -1.03
N ASN C 221 -6.35 -22.42 -0.98
CA ASN C 221 -7.14 -22.78 -2.16
C ASN C 221 -7.98 -21.56 -2.54
N PHE C 222 -7.46 -20.75 -3.46
CA PHE C 222 -8.12 -19.52 -3.86
C PHE C 222 -7.62 -19.12 -5.24
N THR C 223 -8.54 -18.84 -6.15
CA THR C 223 -8.20 -18.53 -7.53
C THR C 223 -8.98 -17.32 -8.01
N LEU C 224 -8.39 -16.59 -8.95
CA LEU C 224 -9.03 -15.47 -9.63
C LEU C 224 -8.92 -15.69 -11.13
N LYS C 225 -10.01 -15.41 -11.86
CA LYS C 225 -10.18 -15.94 -13.20
C LYS C 225 -10.46 -14.93 -14.30
N LEU C 226 -10.65 -13.64 -13.99
CA LEU C 226 -10.97 -12.69 -15.04
C LEU C 226 -10.57 -11.29 -14.58
N CYS C 227 -9.96 -10.53 -15.48
CA CYS C 227 -9.45 -9.20 -15.15
C CYS C 227 -10.46 -8.11 -15.54
N LYS C 228 -10.63 -7.15 -14.64
CA LYS C 228 -11.48 -5.99 -14.91
C LYS C 228 -11.01 -4.85 -14.02
N ASP C 229 -11.36 -3.63 -14.43
CA ASP C 229 -10.97 -2.44 -13.67
C ASP C 229 -11.85 -2.26 -12.44
N THR C 230 -11.27 -1.70 -11.39
CA THR C 230 -11.96 -1.50 -10.13
C THR C 230 -12.92 -0.31 -10.22
N ASP C 231 -13.82 -0.24 -9.24
CA ASP C 231 -14.83 0.81 -9.19
C ASP C 231 -14.66 1.76 -8.01
N GLU C 232 -14.08 1.30 -6.91
CA GLU C 232 -13.86 2.16 -5.74
C GLU C 232 -12.67 3.08 -6.05
N ILE C 233 -12.96 4.13 -6.81
CA ILE C 233 -11.93 5.07 -7.23
C ILE C 233 -11.51 5.93 -6.04
N GLN C 234 -10.19 5.99 -5.80
CA GLN C 234 -9.59 6.68 -4.65
C GLN C 234 -10.43 6.61 -3.37
#